data_8TCB
#
_entry.id   8TCB
#
_cell.length_a   43.176
_cell.length_b   73.802
_cell.length_c   190.398
_cell.angle_alpha   90.000
_cell.angle_beta   90.000
_cell.angle_gamma   90.000
#
_symmetry.space_group_name_H-M   'P 2 21 21'
#
loop_
_entity.id
_entity.type
_entity.pdbx_description
1 polymer 'C4b-binding protein alpha chain'
2 polymer 'M protein'
3 non-polymer 'POTASSIUM ION'
4 water water
#
loop_
_entity_poly.entity_id
_entity_poly.type
_entity_poly.pdbx_seq_one_letter_code
_entity_poly.pdbx_strand_id
1 'polypeptide(L)'
;GPGSNCGPPPTLSFAAPMDITLTETRFKTGTTLKYTCLPGYVRSHSTQTLTCNSDGEWVYNTFCIYKRCRHPGELRNGQV
EIKTDLSFGSQIEFSCSEGFFLIGSTTSRCEVQDRGVGWSHPLPQCEI
;
A,B
2 'polypeptide(L)'
;GPGSESPREVTNELAASVWKKKVEEAKEKASKLEKQLEEAQKDYSEIEGKLEQFWHDYDKLEKENKEYASQLGKNQEERE
KLELEYLRKSDEEYKEHQQYRQEQ
;
C,D
#
loop_
_chem_comp.id
_chem_comp.type
_chem_comp.name
_chem_comp.formula
K non-polymer 'POTASSIUM ION' 'K 1'
#
# COMPACT_ATOMS: atom_id res chain seq x y z
N SER A 4 -8.52 -25.87 -31.31
CA SER A 4 -9.84 -26.16 -30.76
C SER A 4 -9.73 -26.88 -29.41
N ASN A 5 -8.49 -27.18 -29.01
CA ASN A 5 -8.21 -27.81 -27.73
C ASN A 5 -6.87 -27.33 -27.22
N CYS A 6 -6.76 -27.16 -25.91
CA CYS A 6 -5.54 -26.69 -25.28
C CYS A 6 -4.76 -27.86 -24.70
N GLY A 7 -3.43 -27.79 -24.79
CA GLY A 7 -2.57 -28.75 -24.15
C GLY A 7 -2.48 -28.51 -22.66
N PRO A 8 -1.52 -29.16 -22.01
CA PRO A 8 -1.33 -28.93 -20.58
C PRO A 8 -0.99 -27.48 -20.31
N PRO A 9 -1.43 -26.92 -19.19
CA PRO A 9 -1.22 -25.50 -18.95
C PRO A 9 0.25 -25.21 -18.69
N PRO A 10 0.70 -24.00 -18.99
CA PRO A 10 2.10 -23.66 -18.68
C PRO A 10 2.32 -23.65 -17.18
N THR A 11 3.55 -23.95 -16.77
CA THR A 11 3.92 -23.81 -15.37
C THR A 11 4.26 -22.36 -15.10
N LEU A 12 3.64 -21.80 -14.07
CA LEU A 12 3.82 -20.39 -13.72
C LEU A 12 4.76 -20.28 -12.54
N SER A 13 5.61 -19.25 -12.57
CA SER A 13 6.58 -19.02 -11.51
C SER A 13 6.01 -18.21 -10.35
N PHE A 14 4.84 -17.58 -10.52
CA PHE A 14 4.26 -16.75 -9.50
C PHE A 14 3.01 -17.33 -8.87
N ALA A 15 2.48 -18.44 -9.39
CA ALA A 15 1.25 -19.01 -8.88
C ALA A 15 1.26 -20.51 -9.11
N ALA A 16 0.37 -21.19 -8.39
CA ALA A 16 0.23 -22.64 -8.47
C ALA A 16 -1.22 -23.02 -8.72
N PRO A 17 -1.46 -24.08 -9.49
CA PRO A 17 -2.84 -24.46 -9.78
C PRO A 17 -3.56 -24.95 -8.54
N MET A 18 -4.84 -24.59 -8.43
CA MET A 18 -5.62 -24.97 -7.27
C MET A 18 -6.02 -26.45 -7.32
N ASP A 19 -6.00 -27.07 -8.49
CA ASP A 19 -6.34 -28.47 -8.65
C ASP A 19 -5.06 -29.30 -8.68
N ILE A 20 -5.02 -30.35 -7.86
CA ILE A 20 -3.89 -31.27 -7.83
C ILE A 20 -4.30 -32.64 -8.35
N GLU A 24 -5.89 -35.03 -16.64
CA GLU A 24 -6.33 -34.64 -17.97
C GLU A 24 -5.18 -34.05 -18.78
N THR A 25 -5.26 -34.20 -20.10
CA THR A 25 -4.22 -33.72 -21.01
C THR A 25 -4.77 -32.85 -22.14
N ARG A 26 -6.03 -33.00 -22.53
CA ARG A 26 -6.68 -32.14 -23.50
C ARG A 26 -7.80 -31.36 -22.80
N PHE A 27 -8.01 -30.12 -23.23
CA PHE A 27 -8.96 -29.23 -22.58
C PHE A 27 -9.83 -28.53 -23.61
N LYS A 28 -11.12 -28.44 -23.31
CA LYS A 28 -12.08 -27.83 -24.20
C LYS A 28 -11.97 -26.31 -24.13
N THR A 29 -12.29 -25.66 -25.25
CA THR A 29 -12.34 -24.21 -25.28
C THR A 29 -13.31 -23.68 -24.24
N GLY A 30 -12.86 -22.73 -23.43
CA GLY A 30 -13.62 -22.21 -22.33
C GLY A 30 -13.22 -22.77 -20.97
N THR A 31 -12.46 -23.87 -20.96
CA THR A 31 -11.95 -24.41 -19.71
C THR A 31 -11.23 -23.33 -18.91
N THR A 32 -11.62 -23.17 -17.65
CA THR A 32 -10.99 -22.21 -16.75
C THR A 32 -10.40 -22.96 -15.57
N LEU A 33 -9.10 -22.77 -15.36
CA LEU A 33 -8.40 -23.34 -14.21
C LEU A 33 -8.03 -22.21 -13.26
N LYS A 34 -8.36 -22.37 -11.99
CA LYS A 34 -8.07 -21.37 -10.98
C LYS A 34 -6.69 -21.58 -10.36
N TYR A 35 -6.05 -20.48 -10.00
CA TYR A 35 -4.71 -20.49 -9.42
C TYR A 35 -4.70 -19.62 -8.16
N THR A 36 -3.69 -19.83 -7.32
CA THR A 36 -3.42 -18.95 -6.19
C THR A 36 -1.94 -18.59 -6.19
N CYS A 37 -1.65 -17.43 -5.60
CA CYS A 37 -0.27 -16.92 -5.57
C CYS A 37 0.63 -17.85 -4.77
N LEU A 38 1.90 -17.88 -5.16
CA LEU A 38 2.89 -18.68 -4.47
C LEU A 38 3.35 -17.97 -3.19
N PRO A 39 3.93 -18.71 -2.26
CA PRO A 39 4.55 -18.06 -1.09
C PRO A 39 5.55 -17.00 -1.53
N GLY A 40 5.52 -15.85 -0.86
CA GLY A 40 6.31 -14.71 -1.26
C GLY A 40 5.67 -13.83 -2.30
N TYR A 41 4.47 -14.15 -2.76
CA TYR A 41 3.76 -13.37 -3.76
C TYR A 41 2.44 -12.86 -3.19
N VAL A 42 1.84 -11.92 -3.90
CA VAL A 42 0.59 -11.30 -3.45
C VAL A 42 -0.28 -11.00 -4.68
N ARG A 43 -1.58 -11.11 -4.48
CA ARG A 43 -2.55 -10.91 -5.56
C ARG A 43 -2.49 -9.48 -6.09
N SER A 44 -2.44 -9.33 -7.41
CA SER A 44 -2.43 -8.03 -8.04
C SER A 44 -3.57 -7.82 -9.02
N HIS A 45 -4.43 -8.82 -9.20
CA HIS A 45 -5.55 -8.71 -10.14
C HIS A 45 -6.72 -9.55 -9.64
N SER A 46 -7.89 -9.28 -10.20
CA SER A 46 -9.08 -10.03 -9.82
C SER A 46 -9.13 -11.40 -10.47
N THR A 47 -8.62 -11.52 -11.70
CA THR A 47 -8.71 -12.76 -12.47
C THR A 47 -7.45 -13.57 -12.23
N GLN A 48 -7.54 -14.58 -11.36
CA GLN A 48 -6.44 -15.51 -11.09
C GLN A 48 -6.57 -16.81 -11.88
N THR A 49 -7.00 -16.74 -13.13
CA THR A 49 -7.36 -17.92 -13.90
C THR A 49 -6.59 -17.99 -15.20
N LEU A 50 -6.41 -19.21 -15.70
CA LEU A 50 -6.01 -19.48 -17.07
C LEU A 50 -7.22 -20.02 -17.82
N THR A 51 -7.46 -19.51 -19.02
CA THR A 51 -8.63 -19.88 -19.81
C THR A 51 -8.19 -20.35 -21.18
N CYS A 52 -8.72 -21.50 -21.61
CA CYS A 52 -8.39 -22.04 -22.92
C CYS A 52 -9.05 -21.19 -24.01
N ASN A 53 -8.23 -20.52 -24.81
CA ASN A 53 -8.73 -19.69 -25.90
C ASN A 53 -8.99 -20.54 -27.13
N SER A 54 -9.85 -20.02 -28.01
CA SER A 54 -10.19 -20.71 -29.25
C SER A 54 -8.98 -20.96 -30.13
N ASP A 55 -7.88 -20.22 -29.93
CA ASP A 55 -6.65 -20.46 -30.67
C ASP A 55 -5.80 -21.58 -30.09
N GLY A 56 -6.31 -22.29 -29.08
CA GLY A 56 -5.59 -23.39 -28.48
C GLY A 56 -4.54 -22.99 -27.47
N GLU A 57 -4.48 -21.71 -27.10
CA GLU A 57 -3.50 -21.22 -26.13
C GLU A 57 -4.20 -20.78 -24.85
N TRP A 58 -3.50 -20.93 -23.73
CA TRP A 58 -4.03 -20.46 -22.46
C TRP A 58 -3.89 -18.96 -22.35
N VAL A 59 -4.95 -18.29 -21.92
CA VAL A 59 -4.98 -16.84 -21.76
C VAL A 59 -4.91 -16.53 -20.27
N TYR A 60 -3.99 -15.64 -19.90
CA TYR A 60 -3.81 -15.24 -18.52
C TYR A 60 -2.89 -14.03 -18.47
N ASN A 61 -3.02 -13.26 -17.39
CA ASN A 61 -2.09 -12.20 -17.06
C ASN A 61 -1.25 -12.63 -15.86
N THR A 62 -0.40 -11.72 -15.41
CA THR A 62 0.36 -11.95 -14.17
C THR A 62 -0.44 -11.36 -13.03
N PHE A 63 -1.16 -12.22 -12.30
CA PHE A 63 -2.04 -11.76 -11.23
C PHE A 63 -1.34 -11.73 -9.88
N CYS A 64 -0.07 -12.14 -9.81
CA CYS A 64 0.69 -12.11 -8.57
C CYS A 64 1.97 -11.30 -8.77
N ILE A 65 2.36 -10.56 -7.73
CA ILE A 65 3.60 -9.79 -7.71
C ILE A 65 4.32 -10.08 -6.41
N TYR A 66 5.61 -9.77 -6.38
CA TYR A 66 6.41 -10.02 -5.18
C TYR A 66 5.83 -9.30 -3.98
N LYS A 67 5.81 -9.99 -2.84
CA LYS A 67 5.66 -9.31 -1.57
C LYS A 67 6.94 -8.55 -1.24
N ARG A 68 6.82 -7.55 -0.39
CA ARG A 68 7.92 -6.65 -0.07
C ARG A 68 8.24 -6.70 1.42
N CYS A 69 9.52 -6.88 1.73
CA CYS A 69 9.97 -6.81 3.11
C CYS A 69 10.02 -5.35 3.56
N ARG A 70 9.68 -5.13 4.83
CA ARG A 70 9.82 -3.79 5.39
C ARG A 70 11.30 -3.40 5.47
N HIS A 71 11.54 -2.10 5.59
CA HIS A 71 12.91 -1.61 5.65
C HIS A 71 13.63 -2.19 6.86
N PRO A 72 14.87 -2.66 6.71
CA PRO A 72 15.56 -3.32 7.83
C PRO A 72 15.74 -2.41 9.03
N GLY A 73 15.93 -1.12 8.80
CA GLY A 73 16.33 -0.18 9.83
C GLY A 73 17.75 0.30 9.62
N GLU A 74 18.11 1.32 10.40
CA GLU A 74 19.44 1.91 10.31
C GLU A 74 20.39 1.16 11.22
N LEU A 75 21.58 0.85 10.69
CA LEU A 75 22.60 0.13 11.44
C LEU A 75 23.53 1.12 12.11
N ARG A 76 23.55 1.11 13.44
CA ARG A 76 24.38 2.05 14.19
C ARG A 76 25.86 1.84 13.86
N ASN A 77 26.55 2.93 13.56
CA ASN A 77 27.97 2.92 13.20
C ASN A 77 28.24 2.07 11.96
N GLY A 78 27.23 1.85 11.13
CA GLY A 78 27.40 1.05 9.93
C GLY A 78 26.49 1.45 8.80
N GLN A 79 26.48 0.69 7.71
CA GLN A 79 25.67 0.99 6.54
C GLN A 79 24.97 -0.27 6.07
N VAL A 80 23.79 -0.08 5.49
CA VAL A 80 22.98 -1.15 4.94
C VAL A 80 22.84 -0.90 3.44
N GLU A 81 23.33 -1.83 2.62
CA GLU A 81 23.34 -1.67 1.18
C GLU A 81 22.14 -2.42 0.57
N ILE A 82 21.20 -1.67 0.02
CA ILE A 82 20.07 -2.25 -0.70
C ILE A 82 20.49 -2.38 -2.15
N LYS A 83 21.02 -3.55 -2.50
CA LYS A 83 21.54 -3.76 -3.86
C LYS A 83 20.45 -3.59 -4.90
N THR A 84 19.35 -4.33 -4.76
CA THR A 84 18.28 -4.31 -5.75
C THR A 84 17.06 -3.65 -5.12
N ASP A 85 16.19 -4.39 -4.45
CA ASP A 85 14.97 -3.85 -3.88
C ASP A 85 14.77 -4.49 -2.50
N LEU A 86 13.57 -4.30 -1.95
CA LEU A 86 13.17 -4.89 -0.68
C LEU A 86 12.09 -5.94 -0.85
N SER A 87 12.07 -6.63 -1.98
CA SER A 87 11.02 -7.58 -2.32
C SER A 87 11.53 -9.01 -2.18
N PHE A 88 10.60 -9.95 -2.31
CA PHE A 88 10.85 -11.36 -2.05
C PHE A 88 11.98 -11.88 -2.94
N GLY A 89 13.02 -12.45 -2.31
CA GLY A 89 14.15 -13.00 -3.00
C GLY A 89 15.39 -12.12 -3.00
N SER A 90 15.24 -10.83 -2.72
CA SER A 90 16.34 -9.88 -2.78
C SER A 90 17.19 -9.94 -1.51
N GLN A 91 18.45 -9.52 -1.64
CA GLN A 91 19.42 -9.60 -0.56
C GLN A 91 20.04 -8.24 -0.29
N ILE A 92 20.23 -7.93 0.98
CA ILE A 92 20.90 -6.71 1.43
C ILE A 92 22.22 -7.09 2.09
N GLU A 93 23.17 -6.16 2.03
CA GLU A 93 24.51 -6.37 2.58
C GLU A 93 24.77 -5.38 3.71
N PHE A 94 25.51 -5.82 4.71
CA PHE A 94 25.81 -5.01 5.89
C PHE A 94 27.30 -4.67 5.93
N SER A 95 27.61 -3.53 6.52
CA SER A 95 28.98 -3.07 6.67
C SER A 95 29.06 -2.13 7.86
N CYS A 96 30.20 -2.15 8.54
CA CYS A 96 30.45 -1.27 9.68
C CYS A 96 31.42 -0.16 9.29
N SER A 97 31.36 0.94 10.03
CA SER A 97 32.24 2.07 9.77
C SER A 97 33.65 1.76 10.26
N GLU A 98 34.60 2.60 9.83
CA GLU A 98 36.00 2.40 10.16
C GLU A 98 36.20 2.45 11.68
N GLY A 99 36.91 1.45 12.21
CA GLY A 99 37.14 1.36 13.63
C GLY A 99 36.13 0.53 14.38
N PHE A 100 35.06 0.07 13.73
CA PHE A 100 34.06 -0.78 14.33
C PHE A 100 34.13 -2.17 13.72
N PHE A 101 33.81 -3.18 14.52
CA PHE A 101 33.78 -4.56 14.07
C PHE A 101 32.33 -5.03 13.96
N LEU A 102 32.06 -5.85 12.95
CA LEU A 102 30.73 -6.36 12.69
C LEU A 102 30.51 -7.63 13.50
N ILE A 103 29.45 -7.63 14.33
CA ILE A 103 29.09 -8.78 15.15
C ILE A 103 27.76 -9.31 14.63
N GLY A 104 27.81 -10.40 13.87
CA GLY A 104 26.60 -11.01 13.36
C GLY A 104 26.67 -11.30 11.87
N SER A 105 25.53 -11.27 11.20
CA SER A 105 25.48 -11.53 9.77
C SER A 105 25.87 -10.29 8.97
N THR A 106 26.54 -10.52 7.85
CA THR A 106 26.85 -9.46 6.90
C THR A 106 25.81 -9.35 5.79
N THR A 107 24.88 -10.30 5.71
CA THR A 107 23.89 -10.32 4.65
C THR A 107 22.54 -10.72 5.23
N SER A 108 21.49 -10.43 4.48
CA SER A 108 20.13 -10.80 4.87
C SER A 108 19.28 -10.89 3.62
N ARG A 109 18.36 -11.85 3.60
CA ARG A 109 17.53 -12.13 2.44
C ARG A 109 16.06 -12.01 2.80
N CYS A 110 15.26 -11.46 1.89
CA CYS A 110 13.81 -11.37 2.08
C CYS A 110 13.19 -12.71 1.72
N GLU A 111 12.73 -13.44 2.73
CA GLU A 111 12.26 -14.81 2.61
C GLU A 111 10.82 -14.91 3.08
N VAL A 112 10.25 -16.10 2.91
CA VAL A 112 8.91 -16.38 3.40
C VAL A 112 8.96 -16.60 4.91
N GLN A 113 8.15 -15.85 5.64
CA GLN A 113 8.08 -15.98 7.11
C GLN A 113 6.60 -15.94 7.51
N ASP A 114 6.03 -17.13 7.76
CA ASP A 114 4.67 -17.27 8.28
C ASP A 114 3.65 -16.49 7.46
N ARG A 115 3.31 -17.00 6.28
CA ARG A 115 2.31 -16.39 5.39
C ARG A 115 2.66 -14.94 5.02
N GLY A 116 3.92 -14.55 5.15
CA GLY A 116 4.36 -13.21 4.82
C GLY A 116 5.80 -13.24 4.35
N VAL A 117 6.50 -12.12 4.54
CA VAL A 117 7.91 -12.00 4.18
C VAL A 117 8.67 -11.36 5.33
N GLY A 118 9.95 -11.73 5.44
CA GLY A 118 10.80 -11.19 6.48
C GLY A 118 12.26 -11.36 6.12
N TRP A 119 13.12 -10.80 6.97
CA TRP A 119 14.55 -10.84 6.74
C TRP A 119 15.15 -12.08 7.43
N SER A 120 15.97 -12.82 6.67
CA SER A 120 16.54 -14.05 7.17
C SER A 120 17.35 -13.81 8.44
N HIS A 121 18.25 -12.83 8.40
CA HIS A 121 19.12 -12.50 9.52
C HIS A 121 18.82 -11.10 10.02
N PRO A 122 18.93 -10.87 11.32
CA PRO A 122 18.69 -9.54 11.86
C PRO A 122 19.89 -8.61 11.64
N LEU A 123 19.65 -7.33 11.89
CA LEU A 123 20.71 -6.34 11.78
C LEU A 123 21.86 -6.70 12.72
N PRO A 124 23.10 -6.67 12.25
CA PRO A 124 24.23 -6.96 13.13
C PRO A 124 24.51 -5.78 14.07
N GLN A 125 25.52 -5.95 14.91
CA GLN A 125 25.98 -4.90 15.80
C GLN A 125 27.36 -4.44 15.35
N CYS A 126 27.53 -3.14 15.18
CA CYS A 126 28.82 -2.54 14.87
C CYS A 126 29.42 -2.03 16.18
N GLU A 127 30.50 -2.65 16.62
CA GLU A 127 31.05 -2.44 17.95
C GLU A 127 32.52 -2.06 17.88
N ILE A 128 32.92 -1.12 18.73
CA ILE A 128 34.31 -0.64 18.78
C ILE A 128 35.12 -1.51 19.73
N GLU B 9 43.64 30.37 19.81
CA GLU B 9 42.78 29.60 20.70
C GLU B 9 41.33 30.02 20.56
N VAL B 10 41.09 31.33 20.51
CA VAL B 10 39.73 31.83 20.40
C VAL B 10 39.11 31.44 19.07
N THR B 11 39.91 31.32 18.01
CA THR B 11 39.37 30.90 16.73
C THR B 11 38.98 29.43 16.74
N ASN B 12 39.78 28.60 17.43
CA ASN B 12 39.48 27.17 17.48
C ASN B 12 38.16 26.91 18.20
N GLU B 13 37.92 27.61 19.31
CA GLU B 13 36.65 27.45 20.02
C GLU B 13 35.48 27.88 19.14
N LEU B 14 35.65 28.98 18.41
CA LEU B 14 34.60 29.45 17.52
C LEU B 14 34.38 28.49 16.36
N ALA B 15 35.44 27.81 15.91
CA ALA B 15 35.29 26.82 14.85
C ALA B 15 34.57 25.57 15.35
N ALA B 16 34.92 25.11 16.55
CA ALA B 16 34.26 23.93 17.10
C ALA B 16 32.79 24.19 17.36
N SER B 17 32.46 25.37 17.91
CA SER B 17 31.07 25.70 18.19
C SER B 17 30.25 25.75 16.91
N VAL B 18 30.84 26.27 15.83
CA VAL B 18 30.13 26.37 14.56
C VAL B 18 29.82 24.98 14.02
N TRP B 19 30.83 24.11 13.97
CA TRP B 19 30.64 22.79 13.38
C TRP B 19 29.77 21.88 14.24
N LYS B 20 29.79 22.08 15.56
CA LYS B 20 28.89 21.33 16.42
C LYS B 20 27.43 21.70 16.13
N LYS B 21 27.16 22.99 15.95
CA LYS B 21 25.82 23.41 15.52
C LYS B 21 25.52 22.93 14.11
N LYS B 22 26.53 22.82 13.25
CA LYS B 22 26.31 22.31 11.91
C LYS B 22 25.98 20.81 11.93
N VAL B 23 26.66 20.06 12.79
CA VAL B 23 26.39 18.62 12.87
C VAL B 23 25.06 18.37 13.57
N GLU B 24 24.67 19.25 14.50
CA GLU B 24 23.37 19.11 15.15
C GLU B 24 22.24 19.31 14.14
N GLU B 25 22.43 20.24 13.20
CA GLU B 25 21.44 20.42 12.14
C GLU B 25 21.33 19.20 11.26
N ALA B 26 22.46 18.75 10.70
CA ALA B 26 22.44 17.62 9.77
C ALA B 26 21.92 16.36 10.42
N LYS B 27 22.11 16.22 11.74
CA LYS B 27 21.54 15.08 12.45
C LYS B 27 20.02 15.16 12.47
N GLU B 28 19.47 16.36 12.61
CA GLU B 28 18.01 16.52 12.61
C GLU B 28 17.44 16.31 11.21
N LYS B 29 18.13 16.81 10.18
CA LYS B 29 17.65 16.62 8.82
C LYS B 29 17.56 15.14 8.47
N ALA B 30 18.52 14.34 8.94
CA ALA B 30 18.47 12.91 8.71
C ALA B 30 17.39 12.25 9.54
N SER B 31 17.24 12.68 10.80
CA SER B 31 16.22 12.09 11.67
C SER B 31 14.82 12.33 11.11
N LYS B 32 14.56 13.52 10.56
CA LYS B 32 13.25 13.78 9.98
C LYS B 32 13.05 12.99 8.70
N LEU B 33 14.10 12.81 7.90
CA LEU B 33 14.00 11.98 6.72
C LEU B 33 13.84 10.51 7.08
N GLU B 34 14.49 10.08 8.16
CA GLU B 34 14.37 8.69 8.59
C GLU B 34 12.94 8.35 8.99
N LYS B 35 12.34 9.18 9.86
CA LYS B 35 10.96 8.94 10.28
C LYS B 35 10.01 9.03 9.09
N GLN B 36 10.28 9.95 8.16
CA GLN B 36 9.44 10.06 6.98
C GLN B 36 9.55 8.84 6.08
N LEU B 37 10.72 8.19 6.04
CA LEU B 37 10.86 6.96 5.30
C LEU B 37 10.19 5.80 6.02
N GLU B 38 10.26 5.78 7.35
CA GLU B 38 9.63 4.72 8.12
C GLU B 38 8.11 4.78 7.99
N GLU B 39 7.54 5.97 8.12
CA GLU B 39 6.10 6.12 7.99
C GLU B 39 5.62 5.80 6.58
N ALA B 40 6.46 6.06 5.57
CA ALA B 40 6.09 5.77 4.19
C ALA B 40 6.10 4.28 3.88
N GLN B 41 6.88 3.49 4.62
CA GLN B 41 6.89 2.04 4.44
C GLN B 41 5.80 1.35 5.24
N LYS B 42 5.52 1.84 6.46
CA LYS B 42 4.39 1.33 7.21
C LYS B 42 3.08 1.57 6.47
N ASP B 43 2.96 2.71 5.80
CA ASP B 43 1.74 3.03 5.08
C ASP B 43 1.57 2.13 3.86
N TYR B 44 2.68 1.79 3.18
CA TYR B 44 2.60 0.80 2.12
C TYR B 44 2.15 -0.54 2.67
N SER B 45 2.76 -0.99 3.77
CA SER B 45 2.40 -2.26 4.38
C SER B 45 0.95 -2.26 4.83
N GLU B 46 0.42 -1.10 5.24
CA GLU B 46 -0.98 -1.01 5.64
C GLU B 46 -1.90 -1.39 4.48
N ILE B 47 -1.62 -0.84 3.29
CA ILE B 47 -2.48 -1.12 2.14
C ILE B 47 -2.26 -2.55 1.65
N GLU B 48 -1.01 -3.01 1.63
CA GLU B 48 -0.71 -4.36 1.15
C GLU B 48 -1.43 -5.41 1.98
N GLY B 49 -1.47 -5.23 3.30
CA GLY B 49 -2.19 -6.16 4.14
C GLY B 49 -3.69 -6.03 3.99
N LYS B 50 -4.19 -4.81 3.81
CA LYS B 50 -5.62 -4.61 3.60
C LYS B 50 -6.08 -5.24 2.29
N LEU B 51 -5.25 -5.16 1.25
CA LEU B 51 -5.61 -5.73 -0.04
C LEU B 51 -5.66 -7.25 0.03
N GLU B 52 -4.72 -7.86 0.75
CA GLU B 52 -4.72 -9.32 0.89
C GLU B 52 -5.99 -9.80 1.59
N GLN B 53 -6.44 -9.06 2.61
CA GLN B 53 -7.70 -9.40 3.25
C GLN B 53 -8.89 -9.06 2.35
N PHE B 54 -8.81 -7.94 1.64
CA PHE B 54 -9.92 -7.51 0.79
C PHE B 54 -10.18 -8.49 -0.36
N TRP B 55 -9.13 -9.12 -0.89
CA TRP B 55 -9.33 -10.12 -1.93
C TRP B 55 -10.06 -11.34 -1.41
N HIS B 56 -9.85 -11.69 -0.13
CA HIS B 56 -10.64 -12.75 0.48
C HIS B 56 -12.12 -12.41 0.46
N ASP B 57 -12.46 -11.16 0.83
CA ASP B 57 -13.84 -10.71 0.77
C ASP B 57 -14.36 -10.74 -0.67
N TYR B 58 -13.52 -10.35 -1.62
CA TYR B 58 -13.91 -10.42 -3.02
C TYR B 58 -14.27 -11.85 -3.42
N ASP B 59 -13.45 -12.82 -2.99
CA ASP B 59 -13.68 -14.21 -3.37
C ASP B 59 -14.96 -14.75 -2.75
N LYS B 60 -15.22 -14.43 -1.48
CA LYS B 60 -16.46 -14.88 -0.85
C LYS B 60 -17.68 -14.32 -1.57
N LEU B 61 -17.57 -13.08 -2.06
CA LEU B 61 -18.67 -12.49 -2.80
C LEU B 61 -18.87 -13.17 -4.15
N GLU B 62 -17.77 -13.49 -4.84
CA GLU B 62 -17.88 -14.19 -6.12
C GLU B 62 -18.51 -15.55 -5.94
N LYS B 63 -18.14 -16.27 -4.88
CA LYS B 63 -18.77 -17.56 -4.60
C LYS B 63 -20.26 -17.41 -4.42
N GLU B 64 -20.69 -16.38 -3.67
CA GLU B 64 -22.10 -16.10 -3.51
C GLU B 64 -22.76 -15.86 -4.87
N ASN B 65 -22.10 -15.09 -5.74
CA ASN B 65 -22.68 -14.80 -7.05
C ASN B 65 -22.84 -16.06 -7.88
N LYS B 66 -21.81 -16.92 -7.89
CA LYS B 66 -21.90 -18.16 -8.65
C LYS B 66 -23.04 -19.04 -8.14
N GLU B 67 -23.20 -19.11 -6.82
CA GLU B 67 -24.31 -19.88 -6.25
C GLU B 67 -25.65 -19.27 -6.61
N TYR B 68 -25.74 -17.94 -6.58
CA TYR B 68 -27.01 -17.26 -6.86
C TYR B 68 -27.47 -17.55 -8.28
N ALA B 69 -26.59 -17.35 -9.27
CA ALA B 69 -26.94 -17.64 -10.65
C ALA B 69 -27.26 -19.10 -10.85
N SER B 70 -26.61 -19.99 -10.09
CA SER B 70 -26.89 -21.41 -10.23
C SER B 70 -28.28 -21.76 -9.71
N GLN B 71 -28.63 -21.25 -8.53
CA GLN B 71 -29.98 -21.47 -8.01
C GLN B 71 -31.02 -20.89 -8.94
N LEU B 72 -30.74 -19.72 -9.52
CA LEU B 72 -31.69 -19.08 -10.44
C LEU B 72 -31.86 -19.92 -11.70
N GLY B 73 -30.75 -20.39 -12.29
CA GLY B 73 -30.85 -21.16 -13.51
C GLY B 73 -31.58 -22.48 -13.31
N LYS B 74 -31.33 -23.14 -12.17
CA LYS B 74 -32.04 -24.37 -11.87
C LYS B 74 -33.53 -24.13 -11.61
N ASN B 75 -33.90 -22.91 -11.20
CA ASN B 75 -35.30 -22.62 -10.90
C ASN B 75 -36.10 -22.42 -12.18
N GLN B 76 -35.58 -21.64 -13.12
CA GLN B 76 -36.28 -21.42 -14.38
C GLN B 76 -36.33 -22.69 -15.22
N GLU B 77 -35.30 -23.55 -15.11
CA GLU B 77 -35.30 -24.79 -15.87
C GLU B 77 -36.31 -25.79 -15.32
N GLU B 78 -36.51 -25.80 -14.00
CA GLU B 78 -37.54 -26.65 -13.42
C GLU B 78 -38.93 -26.12 -13.73
N ARG B 79 -39.10 -24.80 -13.73
CA ARG B 79 -40.40 -24.22 -14.04
C ARG B 79 -40.79 -24.48 -15.49
N GLU B 80 -39.82 -24.37 -16.41
CA GLU B 80 -40.11 -24.67 -17.81
C GLU B 80 -40.47 -26.13 -18.01
N LYS B 81 -39.84 -27.03 -17.24
CA LYS B 81 -40.10 -28.45 -17.40
C LYS B 81 -41.51 -28.81 -16.95
N LEU B 82 -41.97 -28.24 -15.83
CA LEU B 82 -43.32 -28.53 -15.36
C LEU B 82 -44.37 -27.97 -16.31
N GLU B 83 -44.13 -26.75 -16.84
CA GLU B 83 -45.06 -26.17 -17.80
C GLU B 83 -45.14 -27.01 -19.07
N LEU B 84 -43.99 -27.51 -19.53
CA LEU B 84 -43.99 -28.42 -20.68
C LEU B 84 -44.65 -29.74 -20.33
N GLU B 85 -44.51 -30.20 -19.07
CA GLU B 85 -45.14 -31.44 -18.66
C GLU B 85 -46.66 -31.30 -18.60
N TYR B 86 -47.14 -30.16 -18.07
CA TYR B 86 -48.58 -29.93 -18.03
C TYR B 86 -49.17 -29.89 -19.43
N LEU B 87 -48.41 -29.41 -20.41
CA LEU B 87 -48.86 -29.38 -21.79
C LEU B 87 -48.80 -30.74 -22.47
N ARG B 88 -48.55 -31.80 -21.72
CA ARG B 88 -48.50 -33.15 -22.27
C ARG B 88 -49.25 -34.13 -21.36
N GLU C 9 35.95 14.16 26.30
CA GLU C 9 36.62 15.44 26.26
C GLU C 9 37.76 15.43 25.23
N VAL C 10 37.68 16.33 24.25
CA VAL C 10 38.67 16.44 23.20
C VAL C 10 39.06 17.91 23.04
N THR C 11 40.12 18.15 22.27
CA THR C 11 40.52 19.51 21.96
C THR C 11 39.56 20.13 20.95
N ASN C 12 39.48 21.46 20.97
CA ASN C 12 38.56 22.17 20.08
C ASN C 12 38.90 21.90 18.61
N GLU C 13 40.19 21.91 18.27
CA GLU C 13 40.59 21.62 16.91
C GLU C 13 40.24 20.18 16.53
N LEU C 14 40.44 19.24 17.45
CA LEU C 14 40.12 17.84 17.16
C LEU C 14 38.63 17.62 17.01
N ALA C 15 37.83 18.20 17.91
CA ALA C 15 36.39 18.04 17.83
C ALA C 15 35.83 18.64 16.54
N ALA C 16 36.31 19.83 16.17
CA ALA C 16 35.82 20.48 14.96
C ALA C 16 36.18 19.67 13.71
N SER C 17 37.33 19.01 13.72
CA SER C 17 37.74 18.23 12.55
C SER C 17 36.87 16.99 12.37
N VAL C 18 36.36 16.42 13.45
CA VAL C 18 35.48 15.26 13.34
C VAL C 18 34.02 15.68 13.15
N TRP C 19 33.62 16.85 13.65
CA TRP C 19 32.30 17.36 13.34
C TRP C 19 32.19 17.72 11.86
N LYS C 20 33.28 18.25 11.29
CA LYS C 20 33.30 18.54 9.86
C LYS C 20 33.15 17.25 9.06
N LYS C 21 33.88 16.20 9.45
CA LYS C 21 33.77 14.92 8.76
C LYS C 21 32.36 14.36 8.88
N LYS C 22 31.80 14.36 10.09
CA LYS C 22 30.46 13.83 10.29
C LYS C 22 29.43 14.61 9.48
N VAL C 23 29.65 15.92 9.31
CA VAL C 23 28.74 16.71 8.48
C VAL C 23 28.80 16.25 7.04
N GLU C 24 29.99 15.86 6.56
CA GLU C 24 30.11 15.35 5.21
C GLU C 24 29.31 14.06 5.04
N GLU C 25 29.44 13.14 5.99
CA GLU C 25 28.72 11.88 5.89
C GLU C 25 27.22 12.06 6.02
N ALA C 26 26.79 13.03 6.82
CA ALA C 26 25.36 13.29 6.96
C ALA C 26 24.78 13.88 5.69
N LYS C 27 25.53 14.77 5.03
CA LYS C 27 25.08 15.31 3.75
C LYS C 27 24.90 14.20 2.72
N GLU C 28 25.86 13.28 2.65
CA GLU C 28 25.75 12.15 1.72
C GLU C 28 24.60 11.24 2.11
N LYS C 29 24.38 11.03 3.41
CA LYS C 29 23.28 10.18 3.85
C LYS C 29 21.93 10.80 3.49
N ALA C 30 21.76 12.09 3.80
CA ALA C 30 20.50 12.76 3.49
C ALA C 30 20.21 12.69 1.99
N SER C 31 21.22 12.95 1.16
CA SER C 31 21.03 12.85 -0.28
C SER C 31 20.54 11.47 -0.68
N LYS C 32 21.02 10.42 0.00
CA LYS C 32 20.54 9.08 -0.26
C LYS C 32 19.13 8.86 0.28
N LEU C 33 18.87 9.38 1.49
CA LEU C 33 17.55 9.22 2.09
C LEU C 33 16.47 9.85 1.23
N GLU C 34 16.82 10.85 0.41
CA GLU C 34 15.83 11.51 -0.44
C GLU C 34 15.58 10.76 -1.74
N LYS C 35 16.52 9.95 -2.20
CA LYS C 35 16.23 9.05 -3.31
C LYS C 35 15.35 7.90 -2.85
N GLN C 36 15.53 7.44 -1.62
CA GLN C 36 14.74 6.31 -1.12
C GLN C 36 13.32 6.73 -0.80
N LEU C 37 13.13 7.94 -0.26
CA LEU C 37 11.77 8.43 -0.01
C LEU C 37 11.04 8.70 -1.32
N GLU C 38 11.76 9.20 -2.32
CA GLU C 38 11.16 9.39 -3.64
C GLU C 38 10.66 8.07 -4.20
N GLU C 39 11.50 7.03 -4.14
CA GLU C 39 11.08 5.72 -4.63
C GLU C 39 9.95 5.13 -3.79
N ALA C 40 9.93 5.46 -2.50
CA ALA C 40 8.87 4.95 -1.63
C ALA C 40 7.54 5.62 -1.94
N GLN C 41 7.54 6.94 -2.09
CA GLN C 41 6.32 7.64 -2.46
C GLN C 41 5.79 7.16 -3.80
N LYS C 42 6.69 6.91 -4.75
CA LYS C 42 6.28 6.36 -6.04
C LYS C 42 5.67 4.99 -5.88
N ASP C 43 6.22 4.18 -4.96
CA ASP C 43 5.64 2.86 -4.69
C ASP C 43 4.25 2.99 -4.10
N TYR C 44 4.07 3.89 -3.14
CA TYR C 44 2.77 4.05 -2.51
C TYR C 44 1.72 4.50 -3.52
N SER C 45 2.10 5.35 -4.46
CA SER C 45 1.17 5.74 -5.52
C SER C 45 0.66 4.52 -6.27
N GLU C 46 1.53 3.53 -6.47
CA GLU C 46 1.13 2.32 -7.19
C GLU C 46 0.18 1.47 -6.34
N ILE C 47 0.54 1.23 -5.07
CA ILE C 47 -0.27 0.37 -4.23
C ILE C 47 -1.64 1.01 -3.98
N GLU C 48 -1.68 2.34 -3.85
CA GLU C 48 -2.96 3.02 -3.72
C GLU C 48 -3.78 2.89 -5.00
N GLY C 49 -3.11 2.96 -6.16
CA GLY C 49 -3.81 2.71 -7.41
C GLY C 49 -4.38 1.30 -7.47
N LYS C 50 -3.61 0.33 -6.98
CA LYS C 50 -4.10 -1.04 -6.91
C LYS C 50 -5.30 -1.16 -5.98
N LEU C 51 -5.35 -0.34 -4.92
CA LEU C 51 -6.48 -0.37 -4.00
C LEU C 51 -7.73 0.20 -4.66
N GLU C 52 -7.59 1.28 -5.44
CA GLU C 52 -8.74 1.84 -6.13
C GLU C 52 -9.27 0.87 -7.18
N GLN C 53 -8.37 0.15 -7.86
CA GLN C 53 -8.82 -0.83 -8.82
C GLN C 53 -9.52 -2.01 -8.15
N PHE C 54 -9.19 -2.29 -6.89
CA PHE C 54 -9.92 -3.33 -6.17
C PHE C 54 -11.36 -2.91 -5.91
N TRP C 55 -11.55 -1.70 -5.38
CA TRP C 55 -12.89 -1.25 -5.08
C TRP C 55 -13.74 -1.13 -6.34
N HIS C 56 -13.11 -0.90 -7.49
CA HIS C 56 -13.84 -0.88 -8.75
C HIS C 56 -14.40 -2.27 -9.08
N ASP C 57 -13.55 -3.30 -8.96
CA ASP C 57 -14.02 -4.66 -9.21
C ASP C 57 -14.98 -5.11 -8.10
N TYR C 58 -14.70 -4.74 -6.86
CA TYR C 58 -15.56 -5.15 -5.75
C TYR C 58 -16.95 -4.53 -5.89
N ASP C 59 -17.02 -3.26 -6.27
CA ASP C 59 -18.31 -2.60 -6.40
C ASP C 59 -19.15 -3.22 -7.50
N LYS C 60 -18.53 -3.55 -8.63
CA LYS C 60 -19.23 -4.27 -9.69
C LYS C 60 -19.80 -5.57 -9.17
N LEU C 61 -19.02 -6.29 -8.36
CA LEU C 61 -19.48 -7.57 -7.82
C LEU C 61 -20.67 -7.39 -6.89
N GLU C 62 -20.63 -6.36 -6.05
CA GLU C 62 -21.70 -6.18 -5.06
C GLU C 62 -23.00 -5.73 -5.70
N LYS C 63 -22.92 -4.88 -6.73
CA LYS C 63 -24.11 -4.54 -7.49
C LYS C 63 -24.73 -5.78 -8.11
N GLU C 64 -23.90 -6.67 -8.67
CA GLU C 64 -24.40 -7.93 -9.18
C GLU C 64 -24.92 -8.83 -8.07
N ASN C 65 -24.22 -8.85 -6.92
CA ASN C 65 -24.70 -9.64 -5.79
C ASN C 65 -26.05 -9.15 -5.31
N LYS C 66 -26.20 -7.83 -5.19
CA LYS C 66 -27.47 -7.27 -4.72
C LYS C 66 -28.60 -7.60 -5.69
N GLU C 67 -28.36 -7.48 -7.00
CA GLU C 67 -29.39 -7.79 -7.98
C GLU C 67 -29.73 -9.27 -7.97
N TYR C 68 -28.73 -10.14 -7.79
CA TYR C 68 -28.99 -11.57 -7.69
C TYR C 68 -29.91 -11.87 -6.51
N ALA C 69 -29.54 -11.40 -5.31
CA ALA C 69 -30.32 -11.70 -4.12
C ALA C 69 -31.73 -11.14 -4.21
N SER C 70 -31.91 -10.03 -4.94
CA SER C 70 -33.24 -9.44 -5.07
C SER C 70 -34.19 -10.36 -5.83
N GLN C 71 -33.69 -11.10 -6.80
CA GLN C 71 -34.51 -12.02 -7.59
C GLN C 71 -34.82 -13.33 -6.87
N LEU C 72 -34.28 -13.52 -5.68
CA LEU C 72 -34.55 -14.72 -4.89
C LEU C 72 -35.32 -14.45 -3.61
N GLY C 73 -35.14 -13.27 -3.01
CA GLY C 73 -35.81 -12.93 -1.77
C GLY C 73 -35.08 -11.86 -1.00
N ASN D 5 -32.57 3.89 21.42
CA ASN D 5 -32.76 4.66 20.20
C ASN D 5 -31.68 5.73 20.06
N CYS D 6 -31.09 5.81 18.86
CA CYS D 6 -29.96 6.69 18.61
C CYS D 6 -30.40 8.08 18.19
N GLY D 7 -29.56 9.06 18.49
CA GLY D 7 -29.74 10.40 18.00
C GLY D 7 -29.04 10.59 16.66
N PRO D 8 -28.87 11.85 16.26
CA PRO D 8 -28.17 12.11 15.00
C PRO D 8 -26.77 11.51 15.03
N PRO D 9 -26.28 11.02 13.89
CA PRO D 9 -24.94 10.45 13.84
C PRO D 9 -23.88 11.51 14.05
N PRO D 10 -22.69 11.15 14.50
CA PRO D 10 -21.61 12.13 14.63
C PRO D 10 -21.18 12.64 13.26
N THR D 11 -20.50 13.78 13.29
CA THR D 11 -19.93 14.37 12.08
C THR D 11 -18.54 13.78 11.88
N LEU D 12 -18.38 12.96 10.84
CA LEU D 12 -17.06 12.46 10.48
C LEU D 12 -16.39 13.41 9.50
N SER D 13 -15.07 13.49 9.59
CA SER D 13 -14.29 14.35 8.70
C SER D 13 -13.90 13.65 7.40
N PHE D 14 -14.07 12.34 7.33
CA PHE D 14 -13.67 11.56 6.16
C PHE D 14 -14.85 10.99 5.39
N ALA D 15 -16.04 10.98 5.96
CA ALA D 15 -17.20 10.35 5.34
C ALA D 15 -18.46 11.15 5.64
N ALA D 16 -19.42 11.05 4.74
CA ALA D 16 -20.76 11.60 4.88
C ALA D 16 -21.75 10.50 4.57
N PRO D 17 -23.00 10.64 5.00
CA PRO D 17 -24.01 9.60 4.69
C PRO D 17 -24.22 9.45 3.19
N MET D 18 -24.48 8.20 2.79
CA MET D 18 -24.56 7.83 1.38
C MET D 18 -25.98 7.87 0.81
N ASP D 19 -27.00 7.63 1.64
CA ASP D 19 -28.35 7.55 1.12
C ASP D 19 -29.39 8.29 1.96
N ILE D 20 -28.99 9.00 3.01
CA ILE D 20 -29.91 9.79 3.80
C ILE D 20 -29.42 11.23 3.86
N THR D 21 -30.34 12.14 4.13
CA THR D 21 -30.02 13.53 4.42
C THR D 21 -30.14 13.76 5.92
N LEU D 22 -29.33 14.68 6.42
CA LEU D 22 -29.25 14.92 7.86
C LEU D 22 -30.26 15.96 8.33
N THR D 25 -33.86 14.44 14.55
CA THR D 25 -34.03 13.08 14.06
C THR D 25 -33.56 12.06 15.09
N ARG D 26 -34.08 10.83 14.97
CA ARG D 26 -33.72 9.73 15.85
C ARG D 26 -33.71 8.45 15.05
N PHE D 27 -33.14 7.39 15.62
CA PHE D 27 -32.90 6.16 14.88
C PHE D 27 -33.15 4.95 15.76
N LYS D 28 -33.75 3.91 15.16
CA LYS D 28 -34.00 2.67 15.86
C LYS D 28 -32.70 1.90 16.08
N THR D 29 -32.70 1.05 17.10
CA THR D 29 -31.56 0.19 17.36
C THR D 29 -31.33 -0.76 16.19
N GLY D 30 -30.06 -1.04 15.90
CA GLY D 30 -29.73 -1.88 14.77
C GLY D 30 -29.73 -1.17 13.43
N THR D 31 -30.08 0.11 13.40
CA THR D 31 -29.99 0.89 12.17
C THR D 31 -28.55 0.89 11.66
N THR D 32 -28.39 0.66 10.36
CA THR D 32 -27.07 0.64 9.73
C THR D 32 -27.08 1.62 8.56
N LEU D 33 -26.51 2.80 8.78
CA LEU D 33 -26.40 3.81 7.75
C LEU D 33 -25.15 3.56 6.91
N LYS D 34 -25.31 3.55 5.59
CA LYS D 34 -24.17 3.44 4.70
C LYS D 34 -23.53 4.81 4.48
N TYR D 35 -22.20 4.84 4.44
CA TYR D 35 -21.45 6.07 4.30
C TYR D 35 -20.56 6.02 3.06
N THR D 36 -20.19 7.20 2.58
CA THR D 36 -19.28 7.36 1.45
C THR D 36 -18.09 8.20 1.89
N CYS D 37 -16.91 7.87 1.38
CA CYS D 37 -15.72 8.67 1.68
C CYS D 37 -15.83 10.04 1.02
N LEU D 38 -15.48 11.08 1.79
CA LEU D 38 -15.45 12.44 1.25
C LEU D 38 -14.41 12.53 0.14
N PRO D 39 -14.57 13.49 -0.76
CA PRO D 39 -13.54 13.69 -1.81
C PRO D 39 -12.18 13.94 -1.19
N GLY D 40 -11.16 13.26 -1.73
CA GLY D 40 -9.84 13.27 -1.16
C GLY D 40 -9.53 12.13 -0.23
N TYR D 41 -10.45 11.18 -0.08
CA TYR D 41 -10.27 10.02 0.79
C TYR D 41 -10.54 8.75 -0.01
N VAL D 42 -10.07 7.62 0.53
CA VAL D 42 -10.23 6.32 -0.12
C VAL D 42 -10.64 5.30 0.94
N ARG D 43 -11.46 4.32 0.52
CA ARG D 43 -11.95 3.31 1.43
C ARG D 43 -10.81 2.44 1.94
N SER D 44 -10.74 2.28 3.26
CA SER D 44 -9.71 1.47 3.89
C SER D 44 -10.27 0.33 4.70
N HIS D 45 -11.59 0.13 4.72
CA HIS D 45 -12.20 -1.02 5.34
C HIS D 45 -13.25 -1.60 4.39
N SER D 46 -13.55 -2.89 4.57
CA SER D 46 -14.42 -3.59 3.64
C SER D 46 -15.85 -3.06 3.67
N THR D 47 -16.28 -2.48 4.78
CA THR D 47 -17.57 -1.81 4.88
C THR D 47 -17.35 -0.38 5.37
N GLN D 48 -18.39 0.45 5.19
CA GLN D 48 -18.33 1.88 5.50
C GLN D 48 -19.64 2.27 6.16
N THR D 49 -19.88 1.77 7.38
CA THR D 49 -21.18 1.85 8.00
C THR D 49 -21.09 2.39 9.42
N LEU D 50 -22.17 3.05 9.85
CA LEU D 50 -22.41 3.41 11.24
C LEU D 50 -23.60 2.60 11.74
N THR D 51 -23.47 2.04 12.94
CA THR D 51 -24.50 1.17 13.48
C THR D 51 -24.95 1.65 14.85
N CYS D 52 -26.26 1.62 15.07
CA CYS D 52 -26.85 1.92 16.37
C CYS D 52 -26.87 0.65 17.21
N ASN D 53 -26.15 0.65 18.34
CA ASN D 53 -26.06 -0.54 19.18
C ASN D 53 -27.20 -0.55 20.20
N SER D 54 -27.25 -1.62 21.00
CA SER D 54 -28.31 -1.80 21.98
C SER D 54 -28.37 -0.65 22.99
N ASP D 55 -27.25 0.04 23.21
CA ASP D 55 -27.17 1.11 24.21
C ASP D 55 -27.45 2.49 23.62
N GLY D 56 -27.93 2.57 22.38
CA GLY D 56 -28.27 3.85 21.79
C GLY D 56 -27.08 4.68 21.35
N GLU D 57 -25.94 4.05 21.07
CA GLU D 57 -24.76 4.75 20.60
C GLU D 57 -24.40 4.27 19.20
N TRP D 58 -23.57 5.06 18.52
CA TRP D 58 -23.15 4.74 17.16
C TRP D 58 -21.78 4.07 17.20
N VAL D 59 -21.69 2.90 16.57
CA VAL D 59 -20.44 2.16 16.48
C VAL D 59 -19.92 2.26 15.06
N TYR D 60 -18.61 2.49 14.94
CA TYR D 60 -17.94 2.63 13.67
C TYR D 60 -16.45 2.76 13.92
N ASN D 61 -15.63 2.39 12.94
CA ASN D 61 -14.21 2.69 12.95
C ASN D 61 -13.92 3.66 11.82
N THR D 62 -12.64 3.94 11.60
CA THR D 62 -12.22 4.87 10.55
C THR D 62 -12.02 4.06 9.27
N PHE D 63 -12.98 4.14 8.36
CA PHE D 63 -12.98 3.31 7.15
C PHE D 63 -12.53 4.07 5.91
N CYS D 64 -12.10 5.32 6.04
CA CYS D 64 -11.47 6.05 4.96
C CYS D 64 -10.11 6.58 5.42
N ILE D 65 -9.20 6.77 4.46
CA ILE D 65 -7.89 7.34 4.74
C ILE D 65 -7.57 8.38 3.68
N TYR D 66 -6.63 9.26 4.01
CA TYR D 66 -6.22 10.32 3.08
C TYR D 66 -5.70 9.72 1.79
N LYS D 67 -6.20 10.22 0.66
CA LYS D 67 -5.50 10.01 -0.59
C LYS D 67 -4.16 10.75 -0.55
N ARG D 68 -3.21 10.28 -1.35
CA ARG D 68 -1.87 10.84 -1.36
C ARG D 68 -1.55 11.37 -2.75
N CYS D 69 -1.02 12.59 -2.80
CA CYS D 69 -0.53 13.15 -4.05
C CYS D 69 0.72 12.40 -4.51
N ARG D 70 1.04 12.55 -5.79
CA ARG D 70 2.25 11.95 -6.34
C ARG D 70 3.48 12.73 -5.89
N HIS D 71 4.64 12.11 -6.07
CA HIS D 71 5.87 12.72 -5.58
C HIS D 71 6.19 14.00 -6.36
N PRO D 72 6.57 15.08 -5.67
CA PRO D 72 6.90 16.36 -6.31
C PRO D 72 8.23 16.32 -7.04
N GLU D 74 11.56 17.09 -8.85
CA GLU D 74 12.84 17.76 -8.60
C GLU D 74 12.84 19.20 -9.10
N LEU D 75 13.30 20.12 -8.27
CA LEU D 75 13.39 21.52 -8.63
C LEU D 75 14.83 21.80 -9.05
N ARG D 76 15.03 22.08 -10.33
CA ARG D 76 16.35 22.47 -10.82
C ARG D 76 16.77 23.79 -10.19
N ASN D 77 18.02 23.86 -9.76
CA ASN D 77 18.58 25.03 -9.08
C ASN D 77 17.83 25.39 -7.80
N GLY D 78 17.05 24.45 -7.27
CA GLY D 78 16.29 24.68 -6.05
C GLY D 78 15.74 23.41 -5.43
N VAL D 80 12.48 21.74 -2.65
CA VAL D 80 11.25 21.05 -2.23
C VAL D 80 11.43 20.46 -0.84
N GLU D 81 10.78 21.07 0.14
CA GLU D 81 10.83 20.62 1.53
C GLU D 81 9.46 20.05 1.91
N ILE D 82 9.36 18.72 1.92
CA ILE D 82 8.15 18.03 2.35
C ILE D 82 8.14 18.09 3.88
N LYS D 83 7.30 18.96 4.45
CA LYS D 83 7.28 19.16 5.89
C LYS D 83 6.61 18.01 6.63
N THR D 84 5.63 17.36 6.00
CA THR D 84 4.91 16.27 6.65
C THR D 84 4.84 15.05 5.75
N ASP D 85 3.88 15.04 4.83
CA ASP D 85 3.73 13.92 3.91
C ASP D 85 3.11 14.45 2.62
N LEU D 86 2.74 13.53 1.73
CA LEU D 86 2.08 13.85 0.47
C LEU D 86 0.57 13.62 0.54
N SER D 87 0.02 13.56 1.75
CA SER D 87 -1.39 13.27 1.92
C SER D 87 -2.24 14.50 1.68
N PHE D 88 -3.52 14.25 1.43
CA PHE D 88 -4.52 15.29 1.24
C PHE D 88 -4.45 16.32 2.36
N GLY D 89 -4.25 17.57 2.00
CA GLY D 89 -4.16 18.66 2.96
C GLY D 89 -2.76 19.02 3.42
N SER D 90 -1.74 18.30 2.97
CA SER D 90 -0.36 18.60 3.34
C SER D 90 0.27 19.56 2.33
N GLN D 91 1.35 20.21 2.75
CA GLN D 91 1.94 21.29 1.99
C GLN D 91 3.44 21.07 1.82
N ILE D 92 3.94 21.37 0.62
CA ILE D 92 5.36 21.34 0.32
C ILE D 92 5.85 22.79 0.16
N GLU D 93 7.04 23.06 0.68
CA GLU D 93 7.66 24.37 0.58
C GLU D 93 8.76 24.33 -0.48
N PHE D 94 8.64 25.18 -1.49
CA PHE D 94 9.60 25.21 -2.59
C PHE D 94 10.82 26.06 -2.25
N CYS D 96 15.13 27.64 -4.04
CA CYS D 96 16.09 28.08 -5.04
C CYS D 96 17.48 28.26 -4.42
N LEU D 102 13.36 32.23 -8.35
CA LEU D 102 12.26 32.29 -7.38
C LEU D 102 10.96 32.74 -8.05
N ILE D 103 10.76 32.32 -9.30
CA ILE D 103 9.62 32.74 -10.09
C ILE D 103 8.51 31.70 -9.95
N GLY D 104 7.40 32.10 -9.35
CA GLY D 104 6.26 31.21 -9.19
C GLY D 104 5.68 31.23 -7.79
N SER D 105 5.23 30.08 -7.31
CA SER D 105 4.72 29.93 -5.96
C SER D 105 5.76 29.29 -5.06
N THR D 106 5.74 29.69 -3.79
CA THR D 106 6.65 29.12 -2.80
C THR D 106 6.11 27.86 -2.13
N THR D 107 4.81 27.60 -2.26
CA THR D 107 4.19 26.43 -1.62
C THR D 107 3.21 25.79 -2.58
N SER D 108 2.81 24.56 -2.22
CA SER D 108 1.78 23.82 -2.94
C SER D 108 1.13 22.85 -1.96
N ARG D 109 -0.17 22.64 -2.11
CA ARG D 109 -0.94 21.81 -1.20
C ARG D 109 -1.64 20.69 -1.96
N CYS D 110 -1.69 19.51 -1.34
CA CYS D 110 -2.46 18.41 -1.88
C CYS D 110 -3.94 18.68 -1.66
N GLU D 111 -4.70 18.76 -2.76
CA GLU D 111 -6.10 19.14 -2.72
C GLU D 111 -6.89 18.26 -3.68
N VAL D 112 -8.21 18.33 -3.58
CA VAL D 112 -9.07 17.56 -4.47
C VAL D 112 -9.03 18.15 -5.87
N GLN D 113 -8.82 17.30 -6.87
CA GLN D 113 -8.64 17.76 -8.25
C GLN D 113 -9.23 16.71 -9.19
N ASP D 114 -10.53 16.86 -9.48
CA ASP D 114 -11.23 16.05 -10.48
C ASP D 114 -11.13 14.55 -10.19
N ARG D 115 -12.00 14.04 -9.31
CA ARG D 115 -12.06 12.62 -8.97
C ARG D 115 -10.70 12.11 -8.50
N GLY D 116 -10.05 12.91 -7.66
CA GLY D 116 -8.73 12.54 -7.16
C GLY D 116 -8.12 13.71 -6.41
N VAL D 117 -6.81 13.62 -6.18
CA VAL D 117 -6.08 14.68 -5.52
C VAL D 117 -5.01 15.20 -6.47
N GLY D 118 -4.41 16.32 -6.07
CA GLY D 118 -3.37 16.94 -6.88
C GLY D 118 -2.79 18.13 -6.13
N TRP D 119 -1.71 18.66 -6.68
CA TRP D 119 -1.01 19.79 -6.08
C TRP D 119 -1.66 21.10 -6.51
N SER D 120 -1.76 22.04 -5.56
CA SER D 120 -2.45 23.30 -5.83
C SER D 120 -1.73 24.06 -6.94
N HIS D 121 -0.42 24.21 -6.81
CA HIS D 121 0.40 24.87 -7.82
C HIS D 121 1.48 23.94 -8.33
N PRO D 122 1.87 24.02 -9.63
CA PRO D 122 3.04 23.27 -10.11
C PRO D 122 4.33 23.87 -9.60
N LEU D 123 5.43 23.34 -10.04
CA LEU D 123 6.71 23.77 -9.50
C LEU D 123 7.11 25.17 -9.98
N PRO D 124 7.79 25.92 -9.13
CA PRO D 124 8.19 27.28 -9.50
C PRO D 124 9.45 27.28 -10.36
N GLN D 125 9.72 28.43 -10.95
CA GLN D 125 10.91 28.63 -11.76
C GLN D 125 12.03 29.20 -10.87
N CYS D 126 13.19 28.57 -10.92
CA CYS D 126 14.32 28.99 -10.10
C CYS D 126 15.25 29.91 -10.89
K K E . -8.16 -5.99 -12.45
#